data_1I36
#
_entry.id   1I36
#
_cell.length_a   94.870
_cell.length_b   123.457
_cell.length_c   133.894
_cell.angle_alpha   90.00
_cell.angle_beta   90.00
_cell.angle_gamma   90.00
#
_symmetry.space_group_name_H-M   'I 2 2 2'
#
loop_
_entity.id
_entity.type
_entity.pdbx_description
1 polymer 'CONSERVED HYPOTHETICAL PROTEIN MTH1747'
2 non-polymer 'NADP NICOTINAMIDE-ADENINE-DINUCLEOTIDE PHOSPHATE'
3 water water
#
_entity_poly.entity_id   1
_entity_poly.type   'polypeptide(L)'
_entity_poly.pdbx_seq_one_letter_code
;LRVGFIGFGEVAQTLASRLRSRGVEVVTSLEGRSPSTIERARTVGVTETSEEDVYSCPVVISAVTPGVALGAARRAGRHV
RGIYVDINNISPETVRMASSLIEKGGFVDAAIMGSVRRKGADIRIIASGRDAEEFMKLNRYGLNIEVRGREPGDASAIKM
LRSSYTKGVSALLWETLTAAHRLGLEEDVLEMLEYTEGNDFRESAISRLKSSCIHARRRYEEMKEVQDMLAEVIDPVMPT
CIIRIFDKLKDVKVSADARLQGCA
;
_entity_poly.pdbx_strand_id   A,B
#
# COMPACT_ATOMS: atom_id res chain seq x y z
N LEU A 1 38.50 17.40 8.80
CA LEU A 1 39.03 18.28 9.87
C LEU A 1 38.72 17.57 11.18
N ARG A 2 37.77 18.11 11.94
CA ARG A 2 37.34 17.50 13.19
C ARG A 2 35.81 17.39 13.20
N VAL A 3 35.29 16.23 13.55
CA VAL A 3 33.84 16.05 13.67
C VAL A 3 33.54 15.75 15.14
N GLY A 4 32.73 16.60 15.76
CA GLY A 4 32.38 16.36 17.17
C GLY A 4 31.03 15.68 17.34
N PHE A 5 30.94 14.80 18.33
CA PHE A 5 29.71 14.08 18.60
C PHE A 5 29.15 14.39 19.99
N ILE A 6 27.87 14.75 20.05
CA ILE A 6 27.20 14.96 21.32
C ILE A 6 26.42 13.66 21.44
N GLY A 7 26.75 12.88 22.47
CA GLY A 7 26.16 11.57 22.67
C GLY A 7 27.13 10.61 22.01
N PHE A 8 27.27 9.39 22.52
CA PHE A 8 28.17 8.45 21.85
C PHE A 8 27.67 7.05 22.02
N GLY A 9 26.50 6.84 21.44
CA GLY A 9 25.82 5.56 21.48
C GLY A 9 26.03 4.80 20.18
N GLU A 10 25.04 4.00 19.80
CA GLU A 10 25.13 3.18 18.61
C GLU A 10 25.32 3.94 17.31
N VAL A 11 24.52 4.99 17.10
CA VAL A 11 24.65 5.80 15.89
C VAL A 11 26.02 6.47 15.81
N ALA A 12 26.38 7.20 16.86
CA ALA A 12 27.66 7.90 16.91
C ALA A 12 28.84 6.95 16.69
N GLN A 13 28.81 5.79 17.35
CA GLN A 13 29.90 4.81 17.20
C GLN A 13 30.06 4.40 15.75
N THR A 14 28.96 4.01 15.13
CA THR A 14 28.95 3.56 13.75
C THR A 14 29.53 4.60 12.80
N LEU A 15 29.02 5.83 12.86
CA LEU A 15 29.50 6.94 12.01
C LEU A 15 30.91 7.36 12.37
N ALA A 16 31.22 7.51 13.65
CA ALA A 16 32.56 7.92 14.06
C ALA A 16 33.62 6.92 13.60
N SER A 17 33.31 5.63 13.72
CA SER A 17 34.21 4.56 13.33
C SER A 17 34.55 4.65 11.82
N ARG A 18 33.54 4.93 10.99
CA ARG A 18 33.72 5.06 9.54
C ARG A 18 34.57 6.28 9.21
N LEU A 19 34.23 7.40 9.81
CA LEU A 19 34.96 8.66 9.60
C LEU A 19 36.43 8.54 10.02
N ARG A 20 36.66 7.93 11.18
CA ARG A 20 38.02 7.77 11.69
C ARG A 20 38.89 6.92 10.73
N SER A 21 38.33 5.85 10.19
CA SER A 21 39.04 4.96 9.27
C SER A 21 39.39 5.72 7.98
N ARG A 22 38.71 6.83 7.71
CA ARG A 22 38.99 7.60 6.51
C ARG A 22 39.84 8.82 6.80
N GLY A 23 40.43 8.87 7.99
CA GLY A 23 41.32 9.96 8.37
C GLY A 23 40.78 11.19 9.06
N VAL A 24 39.52 11.13 9.50
CA VAL A 24 38.92 12.28 10.15
C VAL A 24 39.15 12.20 11.65
N GLU A 25 39.50 13.31 12.29
CA GLU A 25 39.66 13.25 13.74
C GLU A 25 38.26 13.42 14.35
N VAL A 26 37.79 12.44 15.10
CA VAL A 26 36.47 12.50 15.72
C VAL A 26 36.64 12.76 17.20
N VAL A 27 35.85 13.68 17.76
CA VAL A 27 35.97 14.02 19.18
C VAL A 27 34.63 14.01 19.91
N THR A 28 34.67 13.81 21.23
CA THR A 28 33.44 13.80 22.01
C THR A 28 33.80 14.04 23.49
N SER A 29 32.82 14.46 24.29
CA SER A 29 33.00 14.72 25.71
C SER A 29 32.38 13.58 26.49
N LEU A 30 33.15 12.95 27.36
CA LEU A 30 32.64 11.81 28.16
C LEU A 30 32.21 12.15 29.59
N GLU A 31 32.33 13.41 29.99
CA GLU A 31 31.93 13.83 31.33
C GLU A 31 30.40 13.62 31.50
N GLY A 32 30.05 12.86 32.52
CA GLY A 32 28.64 12.57 32.79
C GLY A 32 28.07 11.39 32.04
N ARG A 33 28.87 10.80 31.15
CA ARG A 33 28.41 9.66 30.36
C ARG A 33 28.63 8.34 31.08
N SER A 34 27.77 7.38 30.76
CA SER A 34 27.79 6.04 31.33
C SER A 34 28.98 5.20 30.84
N PRO A 35 29.27 4.10 31.58
CA PRO A 35 30.36 3.17 31.26
C PRO A 35 30.27 2.65 29.83
N SER A 36 29.07 2.23 29.41
CA SER A 36 28.88 1.70 28.05
C SER A 36 29.24 2.74 26.99
N THR A 37 28.98 4.01 27.27
CA THR A 37 29.31 5.09 26.34
C THR A 37 30.82 5.35 26.32
N ILE A 38 31.43 5.34 27.51
CA ILE A 38 32.88 5.55 27.63
C ILE A 38 33.58 4.40 26.91
N GLU A 39 32.99 3.21 27.01
CA GLU A 39 33.55 2.03 26.39
C GLU A 39 33.47 2.10 24.86
N ARG A 40 32.32 2.53 24.32
CA ARG A 40 32.19 2.64 22.87
C ARG A 40 33.22 3.66 22.35
N ALA A 41 33.34 4.77 23.05
CA ALA A 41 34.26 5.84 22.69
C ALA A 41 35.72 5.37 22.63
N ARG A 42 36.12 4.57 23.61
CA ARG A 42 37.49 4.08 23.66
C ARG A 42 37.74 2.92 22.68
N THR A 43 36.69 2.18 22.33
CA THR A 43 36.80 1.09 21.36
C THR A 43 37.08 1.72 19.98
N VAL A 44 36.40 2.85 19.70
CA VAL A 44 36.57 3.57 18.45
C VAL A 44 37.87 4.35 18.44
N GLY A 45 38.26 4.87 19.61
CA GLY A 45 39.50 5.65 19.71
C GLY A 45 39.27 7.14 19.45
N VAL A 46 38.15 7.66 19.94
CA VAL A 46 37.85 9.07 19.76
C VAL A 46 38.66 9.96 20.68
N THR A 47 38.85 11.21 20.28
CA THR A 47 39.59 12.13 21.11
C THR A 47 38.66 12.61 22.21
N GLU A 48 39.05 12.38 23.46
CA GLU A 48 38.25 12.80 24.62
C GLU A 48 38.59 14.23 24.94
N THR A 49 37.57 15.08 25.03
CA THR A 49 37.81 16.48 25.25
C THR A 49 36.68 17.15 26.03
N SER A 50 36.72 18.47 26.17
CA SER A 50 35.68 19.17 26.92
C SER A 50 34.44 19.36 26.04
N GLU A 51 33.32 19.64 26.69
CA GLU A 51 32.04 19.85 26.04
C GLU A 51 32.17 21.01 25.06
N GLU A 52 32.79 22.10 25.50
CA GLU A 52 32.98 23.27 24.65
C GLU A 52 33.94 23.05 23.47
N ASP A 53 34.88 22.14 23.63
CA ASP A 53 35.80 21.85 22.54
C ASP A 53 35.02 21.11 21.43
N VAL A 54 34.06 20.27 21.82
CA VAL A 54 33.23 19.53 20.87
C VAL A 54 32.48 20.53 20.03
N TYR A 55 31.86 21.51 20.69
CA TYR A 55 31.07 22.56 20.03
C TYR A 55 31.86 23.39 19.07
N SER A 56 33.19 23.41 19.22
CA SER A 56 34.05 24.21 18.33
C SER A 56 34.36 23.54 17.00
N CYS A 57 34.07 22.25 16.86
CA CYS A 57 34.33 21.56 15.61
C CYS A 57 33.47 22.13 14.48
N PRO A 58 33.99 22.12 13.23
CA PRO A 58 33.23 22.66 12.09
C PRO A 58 31.93 21.87 11.81
N VAL A 59 31.87 20.63 12.32
CA VAL A 59 30.70 19.76 12.20
C VAL A 59 30.47 19.11 13.57
N VAL A 60 29.29 19.36 14.12
CA VAL A 60 28.90 18.83 15.41
C VAL A 60 27.63 18.00 15.18
N ILE A 61 27.69 16.72 15.50
CA ILE A 61 26.54 15.84 15.30
C ILE A 61 25.94 15.46 16.67
N SER A 62 24.63 15.69 16.79
CA SER A 62 23.87 15.37 18.00
C SER A 62 23.16 14.04 17.76
N ALA A 63 23.59 13.00 18.48
CA ALA A 63 23.03 11.67 18.35
C ALA A 63 22.79 11.17 19.78
N VAL A 64 21.87 11.84 20.46
CA VAL A 64 21.54 11.52 21.84
C VAL A 64 20.23 10.75 21.83
N THR A 65 19.30 11.02 22.74
CA THR A 65 18.00 10.32 22.70
C THR A 65 16.93 11.38 22.38
N PRO A 66 15.76 10.97 21.87
CA PRO A 66 14.75 11.99 21.56
C PRO A 66 14.39 12.95 22.71
N GLY A 67 14.28 12.40 23.92
CA GLY A 67 13.93 13.22 25.06
C GLY A 67 15.00 14.22 25.52
N VAL A 68 16.20 14.11 24.96
CA VAL A 68 17.34 14.96 25.33
C VAL A 68 17.75 15.93 24.19
N ALA A 69 17.19 15.75 23.00
CA ALA A 69 17.54 16.54 21.82
C ALA A 69 17.42 18.07 21.97
N LEU A 70 16.32 18.55 22.53
CA LEU A 70 16.18 20.01 22.69
C LEU A 70 17.17 20.56 23.68
N GLY A 71 17.34 19.86 24.81
CA GLY A 71 18.31 20.32 25.81
C GLY A 71 19.72 20.36 25.27
N ALA A 72 20.09 19.35 24.47
CA ALA A 72 21.42 19.29 23.87
C ALA A 72 21.60 20.49 22.94
N ALA A 73 20.58 20.81 22.14
CA ALA A 73 20.69 21.94 21.21
C ALA A 73 20.80 23.28 21.97
N ARG A 74 20.01 23.44 23.03
CA ARG A 74 20.07 24.66 23.83
C ARG A 74 21.52 24.84 24.30
N ARG A 75 22.14 23.79 24.86
CA ARG A 75 23.51 23.90 25.33
C ARG A 75 24.53 24.15 24.23
N ALA A 76 24.42 23.40 23.13
CA ALA A 76 25.35 23.57 22.03
C ALA A 76 25.16 24.91 21.30
N GLY A 77 23.93 25.36 21.21
CA GLY A 77 23.62 26.60 20.50
C GLY A 77 24.27 27.88 21.00
N ARG A 78 24.72 27.87 22.24
CA ARG A 78 25.40 29.04 22.80
C ARG A 78 26.83 29.12 22.26
N HIS A 79 27.31 28.03 21.67
CA HIS A 79 28.68 27.97 21.19
C HIS A 79 28.95 27.62 19.71
N VAL A 80 28.21 26.65 19.17
CA VAL A 80 28.45 26.19 17.81
C VAL A 80 28.37 27.29 16.77
N ARG A 81 29.40 27.38 15.94
CA ARG A 81 29.43 28.38 14.86
C ARG A 81 29.57 27.67 13.51
N GLY A 82 29.84 26.37 13.57
CA GLY A 82 29.93 25.56 12.34
C GLY A 82 28.54 25.02 12.04
N ILE A 83 28.48 23.76 11.61
CA ILE A 83 27.20 23.11 11.33
C ILE A 83 26.83 22.13 12.44
N TYR A 84 25.58 22.21 12.85
CA TYR A 84 25.02 21.34 13.90
C TYR A 84 24.03 20.39 13.17
N VAL A 85 24.36 19.11 13.21
CA VAL A 85 23.59 18.07 12.56
C VAL A 85 22.79 17.26 13.58
N ASP A 86 21.48 17.42 13.54
CA ASP A 86 20.64 16.71 14.48
C ASP A 86 20.11 15.45 13.79
N ILE A 87 20.46 14.30 14.37
CA ILE A 87 20.07 13.03 13.77
C ILE A 87 19.13 12.26 14.70
N ASN A 88 18.55 12.96 15.68
CA ASN A 88 17.65 12.32 16.62
C ASN A 88 16.24 12.05 16.07
N ASN A 89 15.59 11.03 16.60
CA ASN A 89 14.24 10.71 16.14
C ASN A 89 13.24 11.58 16.87
N ILE A 90 13.09 12.83 16.39
CA ILE A 90 12.15 13.79 16.93
C ILE A 90 11.25 14.29 15.81
N SER A 91 10.11 14.85 16.19
CA SER A 91 9.15 15.31 15.19
C SER A 91 9.69 16.48 14.37
N PRO A 92 9.14 16.68 13.17
CA PRO A 92 9.61 17.79 12.34
C PRO A 92 9.52 19.13 13.06
N GLU A 93 8.46 19.35 13.84
CA GLU A 93 8.34 20.63 14.56
C GLU A 93 9.41 20.73 15.67
N THR A 94 9.73 19.61 16.31
CA THR A 94 10.79 19.62 17.35
C THR A 94 12.14 19.97 16.70
N VAL A 95 12.36 19.46 15.47
CA VAL A 95 13.58 19.75 14.72
C VAL A 95 13.66 21.27 14.42
N ARG A 96 12.54 21.85 14.01
CA ARG A 96 12.50 23.28 13.69
C ARG A 96 12.83 24.10 14.94
N MET A 97 12.36 23.67 16.11
CA MET A 97 12.66 24.35 17.37
C MET A 97 14.12 24.15 17.74
N ALA A 98 14.65 22.95 17.54
CA ALA A 98 16.06 22.72 17.82
C ALA A 98 16.91 23.63 16.92
N SER A 99 16.47 23.81 15.68
CA SER A 99 17.14 24.73 14.76
C SER A 99 17.20 26.16 15.33
N SER A 100 16.09 26.63 15.90
CA SER A 100 16.07 27.98 16.45
C SER A 100 17.04 28.17 17.62
N LEU A 101 17.44 27.07 18.26
CA LEU A 101 18.39 27.07 19.39
C LEU A 101 19.86 27.19 18.95
N ILE A 102 20.16 26.86 17.71
CA ILE A 102 21.53 26.98 17.19
C ILE A 102 21.55 28.44 16.60
N GLU A 103 21.71 29.41 17.48
CA GLU A 103 21.67 30.84 17.10
C GLU A 103 22.83 31.41 16.28
N LYS A 104 23.98 30.77 16.35
CA LYS A 104 25.16 31.26 15.65
C LYS A 104 25.73 30.27 14.65
N GLY A 105 25.03 29.17 14.40
CA GLY A 105 25.56 28.18 13.47
C GLY A 105 24.55 27.75 12.45
N GLY A 106 24.94 26.85 11.57
CA GLY A 106 24.01 26.35 10.58
C GLY A 106 23.44 25.05 11.14
N PHE A 107 22.16 24.79 10.87
CA PHE A 107 21.54 23.58 11.38
C PHE A 107 21.17 22.68 10.22
N VAL A 108 21.41 21.38 10.39
CA VAL A 108 21.07 20.38 9.38
C VAL A 108 20.19 19.30 10.00
N ASP A 109 19.04 19.04 9.39
CA ASP A 109 18.12 17.97 9.86
C ASP A 109 18.60 16.71 9.11
N ALA A 110 19.24 15.76 9.79
CA ALA A 110 19.68 14.52 9.10
C ALA A 110 18.69 13.44 9.55
N ALA A 111 18.31 12.53 8.65
CA ALA A 111 17.38 11.45 9.03
C ALA A 111 17.93 10.14 8.47
N ILE A 112 18.08 9.16 9.37
CA ILE A 112 18.61 7.84 9.04
C ILE A 112 17.45 7.08 8.38
N MET A 113 17.68 6.64 7.15
CA MET A 113 16.66 5.95 6.36
C MET A 113 16.80 4.43 6.31
N GLY A 114 17.13 3.83 7.44
CA GLY A 114 17.29 2.39 7.48
C GLY A 114 17.71 1.89 8.84
N SER A 115 18.38 0.74 8.83
CA SER A 115 18.83 0.10 10.07
C SER A 115 20.34 0.31 10.28
N VAL A 116 20.70 1.04 11.33
CA VAL A 116 22.11 1.28 11.63
C VAL A 116 22.77 -0.09 11.87
N ARG A 117 22.07 -0.92 12.64
CA ARG A 117 22.49 -2.28 13.00
C ARG A 117 22.80 -3.16 11.81
N ARG A 118 21.94 -3.14 10.80
CA ARG A 118 22.17 -3.98 9.64
C ARG A 118 23.01 -3.39 8.51
N LYS A 119 22.96 -2.06 8.35
CA LYS A 119 23.70 -1.44 7.27
C LYS A 119 24.99 -0.77 7.71
N GLY A 120 25.18 -0.58 9.01
CA GLY A 120 26.38 0.09 9.46
C GLY A 120 26.49 1.52 8.90
N ALA A 121 27.72 1.99 8.76
CA ALA A 121 27.96 3.34 8.27
C ALA A 121 27.53 3.57 6.81
N ASP A 122 27.16 2.49 6.12
CA ASP A 122 26.69 2.57 4.72
C ASP A 122 25.23 3.02 4.62
N ILE A 123 24.61 3.21 5.78
CA ILE A 123 23.21 3.61 5.83
C ILE A 123 22.95 4.90 5.08
N ARG A 124 21.85 4.94 4.33
CA ARG A 124 21.49 6.15 3.63
C ARG A 124 20.96 7.15 4.68
N ILE A 125 21.48 8.37 4.60
CA ILE A 125 21.04 9.42 5.50
C ILE A 125 20.55 10.56 4.61
N ILE A 126 19.34 11.06 4.82
CA ILE A 126 18.92 12.20 4.01
C ILE A 126 19.08 13.44 4.93
N ALA A 127 19.38 14.58 4.33
CA ALA A 127 19.63 15.80 5.11
C ALA A 127 19.00 17.01 4.44
N SER A 128 18.45 17.90 5.27
CA SER A 128 17.78 19.08 4.76
C SER A 128 18.26 20.33 5.50
N GLY A 129 18.16 21.48 4.82
CA GLY A 129 18.61 22.74 5.40
C GLY A 129 19.58 23.38 4.42
N ARG A 130 19.85 24.67 4.61
CA ARG A 130 20.76 25.42 3.73
C ARG A 130 22.16 24.90 3.73
N ASP A 131 22.57 24.37 4.87
CA ASP A 131 23.89 23.82 5.04
C ASP A 131 23.96 22.31 4.83
N ALA A 132 22.90 21.71 4.28
CA ALA A 132 22.87 20.25 4.08
C ALA A 132 23.99 19.77 3.13
N GLU A 133 24.21 20.56 2.07
CA GLU A 133 25.26 20.24 1.10
C GLU A 133 26.63 20.21 1.77
N GLU A 134 26.83 21.08 2.76
CA GLU A 134 28.09 21.12 3.47
C GLU A 134 28.30 19.86 4.34
N PHE A 135 27.21 19.35 4.94
CA PHE A 135 27.26 18.13 5.74
C PHE A 135 27.56 16.97 4.77
N MET A 136 26.97 17.02 3.57
CA MET A 136 27.12 15.97 2.56
C MET A 136 28.58 15.76 2.11
N LYS A 137 29.43 16.75 2.34
CA LYS A 137 30.85 16.62 2.04
C LYS A 137 31.46 15.46 2.83
N LEU A 138 30.83 15.07 3.95
CA LEU A 138 31.33 13.94 4.74
C LEU A 138 31.25 12.62 3.94
N ASN A 139 30.59 12.66 2.79
CA ASN A 139 30.55 11.46 1.93
C ASN A 139 31.98 11.13 1.48
N ARG A 140 32.84 12.14 1.42
CA ARG A 140 34.25 11.96 1.02
C ARG A 140 34.94 11.06 2.02
N TYR A 141 34.36 11.00 3.23
CA TYR A 141 34.93 10.19 4.29
C TYR A 141 34.15 8.93 4.68
N GLY A 142 33.47 8.34 3.70
CA GLY A 142 32.76 7.09 3.93
C GLY A 142 31.29 7.08 4.27
N LEU A 143 30.65 8.25 4.32
CA LEU A 143 29.25 8.27 4.66
C LEU A 143 28.40 8.22 3.38
N ASN A 144 27.08 8.08 3.54
CA ASN A 144 26.17 7.97 2.40
C ASN A 144 25.03 8.95 2.59
N ILE A 145 25.33 10.24 2.46
CA ILE A 145 24.34 11.30 2.67
C ILE A 145 23.77 11.79 1.33
N GLU A 146 22.52 12.18 1.35
CA GLU A 146 21.83 12.71 0.19
C GLU A 146 20.99 13.88 0.70
N VAL A 147 21.01 14.99 -0.03
CA VAL A 147 20.25 16.18 0.34
C VAL A 147 18.81 16.09 -0.17
N ARG A 148 17.84 16.41 0.67
CA ARG A 148 16.43 16.39 0.25
C ARG A 148 15.77 17.64 0.85
N GLY A 149 14.62 18.04 0.33
CA GLY A 149 13.92 19.18 0.88
C GLY A 149 14.70 20.48 0.79
N ARG A 150 14.38 21.43 1.66
CA ARG A 150 15.07 22.73 1.63
C ARG A 150 15.45 23.27 3.02
N GLU A 151 14.66 22.92 4.03
CA GLU A 151 14.90 23.48 5.36
C GLU A 151 14.83 22.47 6.48
N PRO A 152 15.29 22.83 7.68
CA PRO A 152 15.24 21.90 8.83
C PRO A 152 13.80 21.41 8.99
N GLY A 153 13.64 20.12 9.23
CA GLY A 153 12.30 19.57 9.37
C GLY A 153 11.90 18.75 8.14
N ASP A 154 12.41 19.10 6.94
CA ASP A 154 12.05 18.36 5.73
C ASP A 154 12.51 16.92 5.72
N ALA A 155 13.78 16.69 6.08
CA ALA A 155 14.31 15.32 6.13
C ALA A 155 13.55 14.43 7.13
N SER A 156 13.33 14.95 8.34
CA SER A 156 12.55 14.22 9.34
C SER A 156 11.12 13.98 8.85
N ALA A 157 10.51 14.96 8.18
CA ALA A 157 9.16 14.79 7.66
C ALA A 157 9.14 13.68 6.61
N ILE A 158 10.08 13.71 5.67
CA ILE A 158 10.17 12.68 4.65
C ILE A 158 10.31 11.28 5.28
N LYS A 159 11.16 11.17 6.29
CA LYS A 159 11.37 9.87 6.95
C LYS A 159 10.08 9.35 7.60
N MET A 160 9.40 10.23 8.32
CA MET A 160 8.15 9.92 9.02
C MET A 160 7.04 9.58 8.00
N LEU A 161 7.00 10.30 6.89
CA LEU A 161 5.98 10.03 5.86
C LEU A 161 6.18 8.67 5.20
N ARG A 162 7.43 8.31 4.94
CA ARG A 162 7.72 7.00 4.36
C ARG A 162 7.33 5.92 5.34
N SER A 163 7.64 6.16 6.61
CA SER A 163 7.34 5.23 7.69
C SER A 163 5.83 5.06 7.84
N SER A 164 5.11 6.16 7.77
CA SER A 164 3.66 6.16 7.88
C SER A 164 3.03 5.30 6.77
N TYR A 165 3.55 5.46 5.55
CA TYR A 165 3.01 4.70 4.41
C TYR A 165 3.32 3.21 4.53
N THR A 166 4.59 2.87 4.73
CA THR A 166 4.98 1.46 4.82
C THR A 166 4.33 0.71 5.98
N LYS A 167 4.09 1.38 7.10
CA LYS A 167 3.42 0.72 8.22
C LYS A 167 1.92 0.58 7.93
N GLY A 168 1.34 1.56 7.24
CA GLY A 168 -0.08 1.49 6.89
C GLY A 168 -0.35 0.31 5.94
N VAL A 169 0.50 0.12 4.94
CA VAL A 169 0.38 -0.99 3.97
C VAL A 169 0.48 -2.34 4.70
N SER A 170 1.38 -2.44 5.68
CA SER A 170 1.53 -3.68 6.47
C SER A 170 0.24 -4.00 7.19
N ALA A 171 -0.41 -2.99 7.76
CA ALA A 171 -1.67 -3.20 8.45
C ALA A 171 -2.79 -3.59 7.48
N LEU A 172 -2.83 -2.93 6.32
CA LEU A 172 -3.85 -3.19 5.30
C LEU A 172 -3.68 -4.62 4.78
N LEU A 173 -2.43 -5.00 4.58
CA LEU A 173 -2.12 -6.34 4.10
C LEU A 173 -2.58 -7.38 5.10
N TRP A 174 -2.20 -7.18 6.35
CA TRP A 174 -2.57 -8.09 7.42
C TRP A 174 -4.07 -8.29 7.54
N GLU A 175 -4.83 -7.21 7.57
CA GLU A 175 -6.27 -7.35 7.68
C GLU A 175 -6.87 -8.07 6.46
N THR A 176 -6.42 -7.69 5.26
CA THR A 176 -6.90 -8.31 4.02
C THR A 176 -6.62 -9.82 4.01
N LEU A 177 -5.40 -10.21 4.39
CA LEU A 177 -5.00 -11.62 4.40
C LEU A 177 -5.60 -12.45 5.53
N THR A 178 -5.88 -11.81 6.66
CA THR A 178 -6.50 -12.51 7.77
C THR A 178 -7.94 -12.84 7.39
N ALA A 179 -8.62 -11.93 6.69
CA ALA A 179 -9.97 -12.21 6.25
C ALA A 179 -9.89 -13.33 5.19
N ALA A 180 -8.93 -13.21 4.25
CA ALA A 180 -8.73 -14.21 3.20
C ALA A 180 -8.48 -15.59 3.78
N HIS A 181 -7.73 -15.60 4.88
CA HIS A 181 -7.38 -16.85 5.52
C HIS A 181 -8.58 -17.57 6.11
N ARG A 182 -9.49 -16.82 6.69
CA ARG A 182 -10.68 -17.42 7.29
C ARG A 182 -11.54 -18.08 6.22
N LEU A 183 -11.41 -17.63 4.98
CA LEU A 183 -12.19 -18.18 3.88
C LEU A 183 -11.38 -19.24 3.15
N GLY A 184 -10.12 -19.39 3.54
CA GLY A 184 -9.25 -20.36 2.88
C GLY A 184 -8.77 -19.86 1.54
N LEU A 185 -8.71 -18.54 1.37
CA LEU A 185 -8.32 -17.92 0.10
C LEU A 185 -7.04 -17.06 0.11
N GLU A 186 -6.25 -17.12 1.18
CA GLU A 186 -5.04 -16.27 1.27
C GLU A 186 -4.03 -16.34 0.12
N GLU A 187 -3.74 -17.57 -0.36
CA GLU A 187 -2.82 -17.74 -1.47
C GLU A 187 -3.40 -17.15 -2.76
N ASP A 188 -4.70 -17.36 -2.95
CA ASP A 188 -5.34 -16.84 -4.16
C ASP A 188 -5.27 -15.31 -4.15
N VAL A 189 -5.58 -14.71 -3.00
CA VAL A 189 -5.51 -13.27 -2.93
C VAL A 189 -4.06 -12.82 -3.19
N LEU A 190 -3.09 -13.48 -2.57
CA LEU A 190 -1.69 -13.10 -2.79
C LEU A 190 -1.29 -13.19 -4.27
N GLU A 191 -1.71 -14.26 -4.94
CA GLU A 191 -1.38 -14.40 -6.36
C GLU A 191 -2.08 -13.38 -7.21
N MET A 192 -3.31 -13.04 -6.84
CA MET A 192 -4.03 -12.03 -7.61
C MET A 192 -3.36 -10.70 -7.42
N LEU A 193 -2.88 -10.42 -6.21
CA LEU A 193 -2.16 -9.15 -5.96
C LEU A 193 -0.86 -9.04 -6.75
N GLU A 194 -0.09 -10.11 -6.88
CA GLU A 194 1.12 -9.98 -7.68
C GLU A 194 0.78 -9.92 -9.15
N TYR A 195 -0.38 -10.48 -9.50
CA TYR A 195 -0.86 -10.49 -10.87
C TYR A 195 -1.29 -9.07 -11.26
N THR A 196 -1.29 -8.16 -10.28
CA THR A 196 -1.68 -6.75 -10.48
C THR A 196 -0.66 -5.72 -9.95
N GLU A 197 -0.02 -5.99 -8.80
CA GLU A 197 0.96 -5.07 -8.22
C GLU A 197 2.37 -5.25 -8.82
N GLY A 198 2.42 -5.88 -9.99
CA GLY A 198 3.67 -6.11 -10.68
C GLY A 198 4.77 -6.85 -9.95
N ASN A 199 5.68 -6.08 -9.34
CA ASN A 199 6.83 -6.61 -8.59
C ASN A 199 6.56 -7.92 -7.86
N ASP A 200 7.63 -8.60 -7.44
CA ASP A 200 7.55 -9.88 -6.72
C ASP A 200 6.55 -9.93 -5.56
N PHE A 201 5.77 -8.87 -5.42
CA PHE A 201 4.75 -8.70 -4.38
C PHE A 201 4.64 -9.80 -3.33
N ARG A 202 4.17 -10.99 -3.73
CA ARG A 202 4.00 -12.09 -2.81
C ARG A 202 5.16 -12.26 -1.83
N GLU A 203 6.39 -12.13 -2.34
CA GLU A 203 7.57 -12.27 -1.49
C GLU A 203 7.83 -11.07 -0.60
N SER A 204 7.77 -9.86 -1.18
CA SER A 204 7.97 -8.62 -0.43
C SER A 204 6.88 -8.45 0.64
N ALA A 205 5.73 -9.08 0.40
CA ALA A 205 4.58 -9.01 1.31
C ALA A 205 4.65 -9.99 2.48
N ILE A 206 5.02 -11.24 2.21
CA ILE A 206 5.11 -12.24 3.27
C ILE A 206 6.16 -11.85 4.32
N SER A 207 7.24 -11.19 3.88
CA SER A 207 8.31 -10.78 4.77
C SER A 207 7.90 -9.57 5.60
N ARG A 208 7.20 -8.62 4.95
CA ARG A 208 6.70 -7.41 5.61
C ARG A 208 5.71 -7.82 6.71
N LEU A 209 4.90 -8.82 6.41
CA LEU A 209 3.89 -9.34 7.32
C LEU A 209 4.53 -9.96 8.55
N LYS A 210 5.53 -10.80 8.31
CA LYS A 210 6.26 -11.47 9.38
C LYS A 210 6.95 -10.47 10.31
N SER A 211 7.67 -9.52 9.75
CA SER A 211 8.38 -8.51 10.54
C SER A 211 7.41 -7.68 11.38
N SER A 212 6.27 -7.33 10.79
CA SER A 212 5.25 -6.53 11.46
C SER A 212 4.66 -7.24 12.67
N CYS A 213 4.59 -8.56 12.60
CA CYS A 213 4.05 -9.33 13.73
C CYS A 213 5.12 -9.55 14.80
N ILE A 214 6.34 -9.85 14.35
CA ILE A 214 7.48 -10.07 15.24
C ILE A 214 7.73 -8.81 16.08
N HIS A 215 7.75 -7.66 15.42
CA HIS A 215 7.99 -6.39 16.08
C HIS A 215 6.75 -5.56 16.30
N ALA A 216 5.63 -6.24 16.57
CA ALA A 216 4.35 -5.56 16.76
C ALA A 216 4.33 -4.51 17.89
N ARG A 217 5.01 -4.82 18.98
CA ARG A 217 5.03 -3.90 20.12
C ARG A 217 5.73 -2.60 19.76
N ARG A 218 6.90 -2.71 19.12
CA ARG A 218 7.66 -1.53 18.71
C ARG A 218 6.89 -0.77 17.62
N ARG A 219 6.27 -1.50 16.70
CA ARG A 219 5.49 -0.89 15.62
C ARG A 219 4.33 -0.05 16.15
N TYR A 220 3.72 -0.53 17.23
CA TYR A 220 2.60 0.17 17.85
C TYR A 220 3.06 1.52 18.41
N GLU A 221 4.20 1.50 19.11
CA GLU A 221 4.79 2.70 19.70
C GLU A 221 5.19 3.64 18.55
N GLU A 222 5.79 3.08 17.52
CA GLU A 222 6.22 3.85 16.35
C GLU A 222 5.05 4.54 15.68
N MET A 223 3.90 3.87 15.62
CA MET A 223 2.72 4.46 14.98
C MET A 223 2.13 5.60 15.80
N LYS A 224 2.24 5.52 17.13
CA LYS A 224 1.74 6.62 17.98
C LYS A 224 2.54 7.87 17.63
N GLU A 225 3.84 7.71 17.40
CA GLU A 225 4.71 8.84 17.05
C GLU A 225 4.33 9.36 15.68
N VAL A 226 4.15 8.46 14.71
CA VAL A 226 3.77 8.86 13.36
C VAL A 226 2.47 9.66 13.42
N GLN A 227 1.52 9.19 14.21
CA GLN A 227 0.25 9.89 14.33
C GLN A 227 0.52 11.32 14.83
N ASP A 228 1.32 11.45 15.88
CA ASP A 228 1.63 12.79 16.42
C ASP A 228 2.35 13.66 15.37
N MET A 229 3.29 13.07 14.64
CA MET A 229 4.02 13.80 13.61
C MET A 229 3.10 14.26 12.49
N LEU A 230 2.23 13.38 12.00
CA LEU A 230 1.28 13.75 10.97
C LEU A 230 0.35 14.86 11.46
N ALA A 231 0.01 14.84 12.74
CA ALA A 231 -0.86 15.87 13.33
C ALA A 231 -0.31 17.31 13.32
N GLU A 232 1.01 17.44 13.19
CA GLU A 232 1.63 18.76 13.13
C GLU A 232 1.34 19.38 11.78
N VAL A 233 1.00 18.55 10.78
CA VAL A 233 0.74 19.08 9.44
C VAL A 233 -0.70 18.98 8.93
N ILE A 234 -1.40 17.88 9.24
CA ILE A 234 -2.79 17.70 8.80
C ILE A 234 -3.65 17.13 9.95
N ASP A 235 -4.91 16.80 9.66
CA ASP A 235 -5.80 16.15 10.64
C ASP A 235 -5.85 14.72 10.09
N PRO A 236 -4.94 13.85 10.56
CA PRO A 236 -4.83 12.45 10.11
C PRO A 236 -6.02 11.53 10.42
N VAL A 237 -6.39 10.73 9.42
CA VAL A 237 -7.50 9.77 9.54
C VAL A 237 -7.06 8.31 9.63
N MET A 238 -6.10 7.92 8.79
CA MET A 238 -5.63 6.53 8.74
C MET A 238 -4.87 5.96 9.95
N PRO A 239 -4.03 6.76 10.63
CA PRO A 239 -3.30 6.18 11.78
C PRO A 239 -4.19 5.57 12.90
N THR A 240 -5.39 6.10 13.11
CA THR A 240 -6.31 5.57 14.13
C THR A 240 -6.60 4.07 13.88
N CYS A 241 -6.97 3.74 12.65
CA CYS A 241 -7.27 2.35 12.31
C CYS A 241 -6.01 1.51 12.28
N ILE A 242 -4.93 2.06 11.72
CA ILE A 242 -3.67 1.35 11.64
C ILE A 242 -3.18 1.00 13.05
N ILE A 243 -3.32 1.94 13.98
CA ILE A 243 -2.93 1.72 15.38
C ILE A 243 -3.76 0.58 15.99
N ARG A 244 -5.05 0.54 15.67
CA ARG A 244 -5.91 -0.53 16.17
C ARG A 244 -5.42 -1.92 15.70
N ILE A 245 -4.91 -2.01 14.46
CA ILE A 245 -4.39 -3.28 13.95
C ILE A 245 -3.12 -3.66 14.72
N PHE A 246 -2.19 -2.72 14.87
CA PHE A 246 -0.96 -3.04 15.59
C PHE A 246 -1.24 -3.36 17.05
N ASP A 247 -2.33 -2.82 17.58
CA ASP A 247 -2.76 -3.07 18.95
C ASP A 247 -3.06 -4.59 19.01
N LYS A 248 -3.73 -5.12 17.99
CA LYS A 248 -4.06 -6.54 17.92
C LYS A 248 -2.82 -7.42 17.75
N LEU A 249 -1.95 -7.04 16.80
CA LEU A 249 -0.74 -7.81 16.51
C LEU A 249 0.18 -8.15 17.70
N LYS A 250 0.03 -7.44 18.81
CA LYS A 250 0.87 -7.68 20.00
C LYS A 250 0.58 -9.03 20.67
N ASP A 257 5.96 -19.90 9.41
CA ASP A 257 4.85 -20.04 8.45
C ASP A 257 3.98 -18.79 8.49
N ALA A 258 4.01 -18.02 7.39
CA ALA A 258 3.23 -16.79 7.25
C ALA A 258 1.80 -16.90 7.77
N ARG A 259 1.08 -17.92 7.29
CA ARG A 259 -0.31 -18.15 7.68
C ARG A 259 -0.55 -18.07 9.19
N LEU A 260 0.49 -18.38 9.97
CA LEU A 260 0.39 -18.33 11.43
C LEU A 260 0.05 -16.94 11.97
N GLN A 261 0.51 -15.90 11.28
CA GLN A 261 0.28 -14.52 11.69
C GLN A 261 -1.17 -14.06 11.51
N GLY A 262 -1.86 -14.66 10.56
CA GLY A 262 -3.25 -14.32 10.26
C GLY A 262 -4.23 -15.01 11.20
N CYS A 263 -4.40 -14.48 12.41
CA CYS A 263 -5.30 -15.10 13.40
C CYS A 263 -6.12 -14.15 14.28
N ALA A 264 -5.88 -12.84 14.14
CA ALA A 264 -6.60 -11.79 14.89
C ALA A 264 -6.64 -12.01 16.42
N LEU B 1 -20.16 -26.26 -28.59
CA LEU B 1 -21.59 -26.36 -28.41
C LEU B 1 -22.22 -24.99 -28.59
N ARG B 2 -23.13 -24.62 -27.68
CA ARG B 2 -23.80 -23.32 -27.71
C ARG B 2 -23.60 -22.61 -26.37
N VAL B 3 -23.34 -21.32 -26.41
CA VAL B 3 -23.18 -20.57 -25.17
C VAL B 3 -24.21 -19.47 -25.24
N GLY B 4 -25.06 -19.38 -24.24
CA GLY B 4 -26.08 -18.34 -24.25
C GLY B 4 -25.71 -17.22 -23.32
N PHE B 5 -26.02 -15.99 -23.72
CA PHE B 5 -25.72 -14.85 -22.87
C PHE B 5 -27.01 -14.16 -22.43
N ILE B 6 -27.07 -13.85 -21.15
CA ILE B 6 -28.19 -13.12 -20.54
C ILE B 6 -27.55 -11.76 -20.43
N GLY B 7 -28.11 -10.80 -21.14
CA GLY B 7 -27.52 -9.47 -21.20
C GLY B 7 -26.56 -9.48 -22.38
N PHE B 8 -26.36 -8.35 -23.03
CA PHE B 8 -25.42 -8.31 -24.14
C PHE B 8 -24.81 -6.91 -24.21
N GLY B 9 -24.05 -6.63 -23.16
CA GLY B 9 -23.38 -5.35 -23.05
C GLY B 9 -21.94 -5.51 -23.47
N GLU B 10 -21.09 -4.70 -22.89
CA GLU B 10 -19.67 -4.68 -23.18
C GLU B 10 -18.95 -5.99 -22.91
N VAL B 11 -19.25 -6.61 -21.77
CA VAL B 11 -18.61 -7.88 -21.41
C VAL B 11 -19.08 -9.00 -22.32
N ALA B 12 -20.38 -9.16 -22.45
CA ALA B 12 -20.94 -10.19 -23.31
C ALA B 12 -20.44 -10.05 -24.76
N GLN B 13 -20.37 -8.81 -25.25
CA GLN B 13 -19.90 -8.56 -26.63
C GLN B 13 -18.45 -9.03 -26.82
N THR B 14 -17.55 -8.60 -25.94
CA THR B 14 -16.15 -8.99 -26.01
C THR B 14 -16.00 -10.50 -25.94
N LEU B 15 -16.64 -11.13 -24.94
CA LEU B 15 -16.57 -12.59 -24.78
C LEU B 15 -17.21 -13.33 -25.95
N ALA B 16 -18.42 -12.93 -26.35
CA ALA B 16 -19.11 -13.61 -27.44
C ALA B 16 -18.34 -13.53 -28.76
N SER B 17 -17.78 -12.36 -29.03
CA SER B 17 -17.01 -12.12 -30.24
C SER B 17 -15.82 -13.11 -30.32
N ARG B 18 -15.13 -13.29 -29.19
CA ARG B 18 -13.99 -14.21 -29.13
C ARG B 18 -14.43 -15.64 -29.38
N LEU B 19 -15.47 -16.06 -28.66
CA LEU B 19 -15.98 -17.42 -28.77
C LEU B 19 -16.44 -17.70 -30.20
N ARG B 20 -17.13 -16.74 -30.78
CA ARG B 20 -17.62 -16.90 -32.14
C ARG B 20 -16.45 -17.11 -33.11
N SER B 21 -15.39 -16.32 -32.94
CA SER B 21 -14.22 -16.40 -33.80
C SER B 21 -13.49 -17.76 -33.70
N ARG B 22 -13.83 -18.55 -32.68
CA ARG B 22 -13.20 -19.84 -32.50
C ARG B 22 -14.16 -20.98 -32.81
N GLY B 23 -15.28 -20.67 -33.44
CA GLY B 23 -16.25 -21.68 -33.85
C GLY B 23 -17.41 -21.99 -32.92
N VAL B 24 -17.59 -21.20 -31.86
CA VAL B 24 -18.68 -21.50 -30.94
C VAL B 24 -19.95 -20.78 -31.39
N GLU B 25 -21.10 -21.43 -31.24
CA GLU B 25 -22.33 -20.75 -31.58
C GLU B 25 -22.77 -20.00 -30.34
N VAL B 26 -22.94 -18.69 -30.47
CA VAL B 26 -23.32 -17.84 -29.38
C VAL B 26 -24.76 -17.37 -29.61
N VAL B 27 -25.60 -17.44 -28.57
CA VAL B 27 -26.99 -17.04 -28.70
C VAL B 27 -27.43 -16.06 -27.59
N THR B 28 -28.39 -15.20 -27.92
CA THR B 28 -28.91 -14.27 -26.92
C THR B 28 -30.35 -13.91 -27.29
N SER B 29 -31.12 -13.47 -26.29
CA SER B 29 -32.51 -13.05 -26.51
C SER B 29 -32.51 -11.54 -26.45
N LEU B 30 -33.05 -10.91 -27.49
CA LEU B 30 -33.09 -9.47 -27.58
C LEU B 30 -34.45 -8.83 -27.23
N GLU B 31 -35.47 -9.65 -27.02
CA GLU B 31 -36.78 -9.13 -26.69
C GLU B 31 -36.72 -8.26 -25.44
N GLY B 32 -37.10 -7.00 -25.60
CA GLY B 32 -37.12 -6.08 -24.50
C GLY B 32 -35.81 -5.40 -24.18
N ARG B 33 -34.80 -5.63 -25.01
CA ARG B 33 -33.50 -5.01 -24.79
C ARG B 33 -33.40 -3.72 -25.60
N SER B 34 -32.51 -2.83 -25.18
CA SER B 34 -32.32 -1.54 -25.84
C SER B 34 -31.66 -1.62 -27.22
N PRO B 35 -31.72 -0.53 -28.00
CA PRO B 35 -31.12 -0.51 -29.34
C PRO B 35 -29.60 -0.69 -29.28
N SER B 36 -28.97 -0.19 -28.21
CA SER B 36 -27.52 -0.32 -28.03
C SER B 36 -27.15 -1.81 -27.91
N THR B 37 -27.95 -2.55 -27.17
CA THR B 37 -27.72 -3.99 -26.94
C THR B 37 -27.98 -4.75 -28.24
N ILE B 38 -29.06 -4.38 -28.92
CA ILE B 38 -29.44 -5.00 -30.18
C ILE B 38 -28.32 -4.78 -31.21
N GLU B 39 -27.69 -3.61 -31.15
CA GLU B 39 -26.63 -3.29 -32.09
C GLU B 39 -25.32 -4.05 -31.80
N ARG B 40 -24.95 -4.18 -30.53
CA ARG B 40 -23.74 -4.93 -30.18
C ARG B 40 -23.93 -6.37 -30.66
N ALA B 41 -25.12 -6.92 -30.41
CA ALA B 41 -25.43 -8.28 -30.83
C ALA B 41 -25.31 -8.45 -32.34
N ARG B 42 -25.84 -7.47 -33.08
CA ARG B 42 -25.80 -7.55 -34.54
C ARG B 42 -24.41 -7.26 -35.11
N THR B 43 -23.59 -6.52 -34.36
CA THR B 43 -22.22 -6.24 -34.79
C THR B 43 -21.42 -7.55 -34.68
N VAL B 44 -21.68 -8.30 -33.62
CA VAL B 44 -21.03 -9.58 -33.36
C VAL B 44 -21.60 -10.65 -34.27
N GLY B 45 -22.91 -10.62 -34.46
CA GLY B 45 -23.56 -11.63 -35.31
C GLY B 45 -24.03 -12.84 -34.53
N VAL B 46 -24.44 -12.64 -33.29
CA VAL B 46 -24.92 -13.72 -32.45
C VAL B 46 -26.32 -14.17 -32.89
N THR B 47 -26.64 -15.43 -32.60
CA THR B 47 -27.95 -15.98 -32.92
C THR B 47 -29.04 -15.39 -32.03
N GLU B 48 -30.05 -14.77 -32.66
CA GLU B 48 -31.16 -14.15 -31.94
C GLU B 48 -32.23 -15.20 -31.70
N THR B 49 -32.56 -15.43 -30.44
CA THR B 49 -33.51 -16.45 -30.09
C THR B 49 -34.36 -16.07 -28.88
N SER B 50 -35.19 -16.98 -28.42
CA SER B 50 -36.06 -16.73 -27.27
C SER B 50 -35.28 -16.91 -25.96
N GLU B 51 -35.83 -16.37 -24.89
CA GLU B 51 -35.23 -16.47 -23.57
C GLU B 51 -35.03 -17.92 -23.15
N GLU B 52 -36.08 -18.72 -23.28
CA GLU B 52 -36.00 -20.12 -22.89
C GLU B 52 -35.01 -20.91 -23.71
N ASP B 53 -34.77 -20.49 -24.96
CA ASP B 53 -33.81 -21.20 -25.78
C ASP B 53 -32.39 -20.86 -25.25
N VAL B 54 -32.21 -19.62 -24.83
CA VAL B 54 -30.94 -19.20 -24.25
C VAL B 54 -30.69 -20.08 -23.03
N TYR B 55 -31.70 -20.23 -22.18
CA TYR B 55 -31.58 -21.04 -20.97
C TYR B 55 -31.26 -22.53 -21.20
N SER B 56 -31.46 -23.00 -22.43
CA SER B 56 -31.24 -24.39 -22.77
C SER B 56 -29.80 -24.68 -23.17
N CYS B 57 -29.01 -23.64 -23.40
CA CYS B 57 -27.61 -23.84 -23.77
C CYS B 57 -26.84 -24.54 -22.64
N PRO B 58 -25.82 -25.38 -22.97
CA PRO B 58 -25.09 -26.06 -21.89
C PRO B 58 -24.30 -25.10 -20.99
N VAL B 59 -24.04 -23.90 -21.50
CA VAL B 59 -23.35 -22.88 -20.72
C VAL B 59 -24.15 -21.60 -20.91
N VAL B 60 -24.59 -21.00 -19.82
CA VAL B 60 -25.35 -19.75 -19.88
C VAL B 60 -24.55 -18.79 -19.03
N ILE B 61 -24.25 -17.62 -19.59
CA ILE B 61 -23.48 -16.59 -18.90
C ILE B 61 -24.34 -15.35 -18.65
N SER B 62 -24.39 -14.96 -17.38
CA SER B 62 -25.12 -13.78 -16.98
C SER B 62 -24.16 -12.62 -16.88
N ALA B 63 -24.29 -11.67 -17.81
CA ALA B 63 -23.47 -10.47 -17.84
C ALA B 63 -24.40 -9.29 -17.98
N VAL B 64 -25.16 -9.05 -16.91
CA VAL B 64 -26.14 -7.96 -16.86
C VAL B 64 -25.57 -6.85 -15.96
N THR B 65 -26.40 -6.17 -15.18
CA THR B 65 -25.87 -5.14 -14.27
C THR B 65 -25.93 -5.72 -12.86
N PRO B 66 -25.08 -5.25 -11.93
CA PRO B 66 -25.06 -5.75 -10.56
C PRO B 66 -26.46 -5.76 -9.96
N GLY B 67 -27.23 -4.70 -10.20
CA GLY B 67 -28.57 -4.63 -9.64
C GLY B 67 -29.59 -5.60 -10.20
N VAL B 68 -29.31 -6.16 -11.36
CA VAL B 68 -30.20 -7.10 -12.04
C VAL B 68 -29.76 -8.58 -11.90
N ALA B 69 -28.58 -8.82 -11.33
CA ALA B 69 -28.05 -10.19 -11.17
C ALA B 69 -29.00 -11.22 -10.54
N LEU B 70 -29.63 -10.87 -9.42
CA LEU B 70 -30.56 -11.76 -8.74
C LEU B 70 -31.81 -12.06 -9.53
N GLY B 71 -32.35 -11.04 -10.19
CA GLY B 71 -33.54 -11.23 -11.02
C GLY B 71 -33.22 -12.13 -12.20
N ALA B 72 -32.10 -11.90 -12.88
CA ALA B 72 -31.71 -12.77 -13.99
C ALA B 72 -31.56 -14.21 -13.51
N ALA B 73 -30.95 -14.39 -12.34
CA ALA B 73 -30.79 -15.73 -11.82
C ALA B 73 -32.15 -16.36 -11.50
N ARG B 74 -33.08 -15.58 -10.94
CA ARG B 74 -34.41 -16.13 -10.64
C ARG B 74 -35.15 -16.58 -11.92
N ARG B 75 -35.19 -15.73 -12.94
CA ARG B 75 -35.85 -16.09 -14.19
C ARG B 75 -35.16 -17.29 -14.87
N ALA B 76 -33.83 -17.31 -14.86
CA ALA B 76 -33.12 -18.43 -15.49
C ALA B 76 -33.16 -19.70 -14.66
N GLY B 77 -33.23 -19.54 -13.35
CA GLY B 77 -33.19 -20.67 -12.44
C GLY B 77 -34.28 -21.70 -12.60
N ARG B 78 -35.37 -21.29 -13.22
CA ARG B 78 -36.48 -22.20 -13.45
C ARG B 78 -36.23 -23.12 -14.66
N HIS B 79 -35.25 -22.78 -15.49
CA HIS B 79 -34.99 -23.58 -16.69
C HIS B 79 -33.61 -24.15 -16.96
N VAL B 80 -32.59 -23.44 -16.54
CA VAL B 80 -31.20 -23.86 -16.81
C VAL B 80 -30.85 -25.19 -16.14
N ARG B 81 -30.38 -26.15 -16.94
CA ARG B 81 -29.95 -27.46 -16.44
C ARG B 81 -28.45 -27.67 -16.69
N GLY B 82 -27.87 -26.79 -17.51
CA GLY B 82 -26.43 -26.87 -17.77
C GLY B 82 -25.71 -26.03 -16.70
N ILE B 83 -24.66 -25.30 -17.07
CA ILE B 83 -23.97 -24.48 -16.08
C ILE B 83 -24.36 -23.02 -16.23
N TYR B 84 -24.59 -22.36 -15.10
CA TYR B 84 -24.97 -20.95 -15.10
C TYR B 84 -23.78 -20.20 -14.55
N VAL B 85 -23.25 -19.28 -15.35
CA VAL B 85 -22.06 -18.51 -14.98
C VAL B 85 -22.42 -17.06 -14.72
N ASP B 86 -22.32 -16.67 -13.47
CA ASP B 86 -22.60 -15.32 -13.09
C ASP B 86 -21.26 -14.57 -13.07
N ILE B 87 -21.13 -13.60 -13.96
CA ILE B 87 -19.89 -12.85 -14.04
C ILE B 87 -20.10 -11.39 -13.61
N ASN B 88 -21.21 -11.15 -12.92
CA ASN B 88 -21.56 -9.82 -12.47
C ASN B 88 -20.73 -9.32 -11.30
N ASN B 89 -20.55 -8.02 -11.19
CA ASN B 89 -19.76 -7.47 -10.07
C ASN B 89 -20.65 -7.35 -8.87
N ILE B 90 -20.82 -8.46 -8.16
CA ILE B 90 -21.68 -8.52 -6.99
C ILE B 90 -20.88 -9.10 -5.82
N SER B 91 -21.42 -8.94 -4.62
CA SER B 91 -20.76 -9.43 -3.42
C SER B 91 -20.90 -10.95 -3.27
N PRO B 92 -20.00 -11.57 -2.48
CA PRO B 92 -20.05 -13.01 -2.29
C PRO B 92 -21.43 -13.42 -1.74
N GLU B 93 -21.97 -12.62 -0.84
CA GLU B 93 -23.28 -12.90 -0.25
C GLU B 93 -24.35 -12.91 -1.39
N THR B 94 -24.29 -11.94 -2.29
CA THR B 94 -25.23 -11.91 -3.42
C THR B 94 -25.03 -13.13 -4.32
N VAL B 95 -23.78 -13.50 -4.56
CA VAL B 95 -23.47 -14.70 -5.35
C VAL B 95 -24.14 -15.94 -4.74
N ARG B 96 -24.02 -16.14 -3.43
CA ARG B 96 -24.64 -17.29 -2.80
C ARG B 96 -26.15 -17.30 -2.99
N MET B 97 -26.77 -16.13 -2.90
CA MET B 97 -28.21 -16.02 -3.12
C MET B 97 -28.52 -16.36 -4.58
N ALA B 98 -27.74 -15.81 -5.52
CA ALA B 98 -27.97 -16.11 -6.95
C ALA B 98 -27.86 -17.64 -7.17
N SER B 99 -26.88 -18.23 -6.52
CA SER B 99 -26.67 -19.65 -6.63
C SER B 99 -27.90 -20.44 -6.14
N SER B 100 -28.53 -20.00 -5.06
CA SER B 100 -29.71 -20.72 -4.54
C SER B 100 -30.91 -20.70 -5.52
N LEU B 101 -30.91 -19.75 -6.44
CA LEU B 101 -31.97 -19.61 -7.44
C LEU B 101 -31.80 -20.54 -8.64
N ILE B 102 -30.57 -20.99 -8.87
CA ILE B 102 -30.30 -21.93 -9.97
C ILE B 102 -30.62 -23.32 -9.34
N GLU B 103 -31.88 -23.70 -9.44
CA GLU B 103 -32.29 -24.95 -8.82
C GLU B 103 -31.96 -26.24 -9.52
N LYS B 104 -31.80 -26.18 -10.84
CA LYS B 104 -31.52 -27.38 -11.61
C LYS B 104 -30.21 -27.35 -12.36
N GLY B 105 -29.42 -26.30 -12.19
CA GLY B 105 -28.17 -26.22 -12.92
C GLY B 105 -26.97 -26.14 -12.02
N GLY B 106 -25.79 -26.09 -12.63
CA GLY B 106 -24.57 -25.97 -11.89
C GLY B 106 -24.16 -24.50 -11.92
N PHE B 107 -24.05 -23.88 -10.75
CA PHE B 107 -23.71 -22.47 -10.68
C PHE B 107 -22.20 -22.25 -10.59
N VAL B 108 -21.71 -21.29 -11.36
CA VAL B 108 -20.28 -20.92 -11.36
C VAL B 108 -20.16 -19.40 -11.10
N ASP B 109 -19.33 -19.07 -10.11
CA ASP B 109 -19.09 -17.66 -9.74
C ASP B 109 -17.83 -17.25 -10.52
N ALA B 110 -17.98 -16.36 -11.49
CA ALA B 110 -16.82 -15.90 -12.27
C ALA B 110 -16.55 -14.44 -11.89
N ALA B 111 -15.29 -14.04 -11.88
CA ALA B 111 -14.95 -12.66 -11.53
C ALA B 111 -13.92 -12.18 -12.54
N ILE B 112 -14.19 -11.06 -13.18
CA ILE B 112 -13.27 -10.50 -14.15
C ILE B 112 -12.17 -9.77 -13.39
N MET B 113 -10.91 -10.13 -13.67
CA MET B 113 -9.78 -9.55 -12.96
C MET B 113 -8.96 -8.55 -13.77
N GLY B 114 -9.65 -7.62 -14.40
CA GLY B 114 -8.96 -6.60 -15.18
C GLY B 114 -9.96 -5.75 -15.91
N SER B 115 -9.47 -4.93 -16.83
CA SER B 115 -10.31 -4.05 -17.62
C SER B 115 -10.65 -4.68 -18.95
N VAL B 116 -11.93 -4.77 -19.24
CA VAL B 116 -12.39 -5.35 -20.49
C VAL B 116 -12.05 -4.41 -21.65
N ARG B 117 -12.05 -3.12 -21.36
CA ARG B 117 -11.76 -2.08 -22.34
C ARG B 117 -10.33 -2.19 -22.86
N ARG B 118 -9.40 -2.38 -21.95
CA ARG B 118 -7.99 -2.51 -22.29
C ARG B 118 -7.49 -3.88 -22.74
N LYS B 119 -8.02 -4.95 -22.14
CA LYS B 119 -7.56 -6.30 -22.49
C LYS B 119 -8.45 -7.14 -23.41
N GLY B 120 -9.69 -6.75 -23.59
CA GLY B 120 -10.58 -7.54 -24.45
C GLY B 120 -10.86 -8.93 -23.89
N ALA B 121 -11.05 -9.90 -24.79
CA ALA B 121 -11.35 -11.27 -24.36
C ALA B 121 -10.16 -12.00 -23.73
N ASP B 122 -9.00 -11.37 -23.75
CA ASP B 122 -7.81 -11.94 -23.13
C ASP B 122 -7.78 -11.70 -21.63
N ILE B 123 -8.78 -10.96 -21.15
CA ILE B 123 -8.89 -10.64 -19.75
C ILE B 123 -8.88 -11.93 -18.90
N ARG B 124 -8.19 -11.89 -17.76
CA ARG B 124 -8.13 -13.03 -16.86
C ARG B 124 -9.46 -13.14 -16.08
N ILE B 125 -10.08 -14.32 -16.12
CA ILE B 125 -11.34 -14.55 -15.38
C ILE B 125 -11.12 -15.66 -14.39
N ILE B 126 -11.41 -15.43 -13.10
CA ILE B 126 -11.28 -16.52 -12.13
C ILE B 126 -12.69 -17.05 -11.86
N ALA B 127 -12.81 -18.33 -11.54
CA ALA B 127 -14.12 -18.98 -11.36
C ALA B 127 -14.04 -19.96 -10.23
N SER B 128 -15.13 -20.07 -9.46
CA SER B 128 -15.17 -20.98 -8.32
C SER B 128 -16.51 -21.72 -8.31
N GLY B 129 -16.49 -22.89 -7.68
CA GLY B 129 -17.65 -23.76 -7.61
C GLY B 129 -17.28 -25.12 -8.19
N ARG B 130 -18.09 -26.12 -7.86
CA ARG B 130 -17.85 -27.50 -8.31
C ARG B 130 -17.84 -27.60 -9.82
N ASP B 131 -18.60 -26.73 -10.48
CA ASP B 131 -18.70 -26.72 -11.94
C ASP B 131 -17.70 -25.80 -12.63
N ALA B 132 -16.83 -25.11 -11.88
CA ALA B 132 -15.87 -24.16 -12.47
C ALA B 132 -14.95 -24.79 -13.52
N GLU B 133 -14.48 -26.00 -13.28
CA GLU B 133 -13.63 -26.66 -14.28
C GLU B 133 -14.36 -26.84 -15.58
N GLU B 134 -15.68 -27.03 -15.52
CA GLU B 134 -16.46 -27.19 -16.74
C GLU B 134 -16.49 -25.86 -17.56
N PHE B 135 -16.69 -24.74 -16.88
CA PHE B 135 -16.67 -23.41 -17.46
C PHE B 135 -15.28 -23.17 -18.09
N MET B 136 -14.24 -23.54 -17.35
CA MET B 136 -12.87 -23.35 -17.79
C MET B 136 -12.55 -24.04 -19.13
N LYS B 137 -13.35 -25.04 -19.50
CA LYS B 137 -13.18 -25.70 -20.80
C LYS B 137 -13.33 -24.71 -21.95
N LEU B 138 -13.98 -23.56 -21.70
CA LEU B 138 -14.12 -22.51 -22.74
C LEU B 138 -12.76 -21.89 -23.09
N ASN B 139 -11.72 -22.23 -22.33
CA ASN B 139 -10.38 -21.72 -22.65
C ASN B 139 -9.98 -22.24 -24.02
N ARG B 140 -10.56 -23.38 -24.42
CA ARG B 140 -10.24 -23.97 -25.73
C ARG B 140 -10.75 -23.08 -26.87
N TYR B 141 -11.68 -22.17 -26.53
CA TYR B 141 -12.25 -21.24 -27.49
C TYR B 141 -11.84 -19.79 -27.32
N GLY B 142 -10.61 -19.58 -26.87
CA GLY B 142 -10.07 -18.24 -26.76
C GLY B 142 -10.18 -17.44 -25.48
N LEU B 143 -10.78 -18.01 -24.44
CA LEU B 143 -10.92 -17.30 -23.17
C LEU B 143 -9.71 -17.59 -22.26
N ASN B 144 -9.64 -16.88 -21.13
CA ASN B 144 -8.53 -16.96 -20.20
C ASN B 144 -9.07 -17.15 -18.77
N ILE B 145 -9.61 -18.34 -18.52
CA ILE B 145 -10.21 -18.66 -17.24
C ILE B 145 -9.29 -19.49 -16.37
N GLU B 146 -9.41 -19.28 -15.07
CA GLU B 146 -8.61 -20.02 -14.11
C GLU B 146 -9.53 -20.32 -12.93
N VAL B 147 -9.45 -21.54 -12.41
CA VAL B 147 -10.26 -21.98 -11.28
C VAL B 147 -9.59 -21.64 -9.95
N ARG B 148 -10.33 -20.99 -9.07
CA ARG B 148 -9.81 -20.59 -7.75
C ARG B 148 -10.84 -20.94 -6.69
N GLY B 149 -10.41 -21.03 -5.43
CA GLY B 149 -11.35 -21.31 -4.36
C GLY B 149 -12.02 -22.67 -4.49
N ARG B 150 -13.21 -22.80 -3.90
CA ARG B 150 -13.93 -24.10 -3.91
C ARG B 150 -15.41 -24.00 -4.19
N GLU B 151 -16.01 -22.89 -3.77
CA GLU B 151 -17.44 -22.73 -3.97
C GLU B 151 -17.87 -21.37 -4.43
N PRO B 152 -19.11 -21.27 -4.95
CA PRO B 152 -19.65 -19.99 -5.43
C PRO B 152 -19.49 -18.96 -4.29
N GLY B 153 -19.02 -17.76 -4.63
CA GLY B 153 -18.78 -16.77 -3.61
C GLY B 153 -17.27 -16.57 -3.49
N ASP B 154 -16.48 -17.64 -3.65
CA ASP B 154 -15.02 -17.53 -3.53
C ASP B 154 -14.32 -16.63 -4.56
N ALA B 155 -14.68 -16.76 -5.84
CA ALA B 155 -14.09 -15.94 -6.89
C ALA B 155 -14.41 -14.47 -6.64
N SER B 156 -15.67 -14.17 -6.33
CA SER B 156 -16.08 -12.78 -6.08
C SER B 156 -15.40 -12.28 -4.79
N ALA B 157 -15.20 -13.15 -3.82
CA ALA B 157 -14.52 -12.76 -2.59
C ALA B 157 -13.05 -12.37 -2.88
N ILE B 158 -12.37 -13.12 -3.75
CA ILE B 158 -10.97 -12.85 -4.06
C ILE B 158 -10.88 -11.51 -4.75
N LYS B 159 -11.80 -11.26 -5.66
CA LYS B 159 -11.79 -9.97 -6.35
C LYS B 159 -12.08 -8.84 -5.36
N MET B 160 -13.03 -9.05 -4.46
CA MET B 160 -13.39 -8.02 -3.48
C MET B 160 -12.24 -7.75 -2.50
N LEU B 161 -11.55 -8.80 -2.08
CA LEU B 161 -10.42 -8.69 -1.16
C LEU B 161 -9.23 -7.99 -1.80
N ARG B 162 -8.95 -8.28 -3.06
CA ARG B 162 -7.87 -7.62 -3.75
C ARG B 162 -8.19 -6.12 -3.88
N SER B 163 -9.40 -5.83 -4.34
CA SER B 163 -9.89 -4.47 -4.52
C SER B 163 -9.90 -3.71 -3.18
N SER B 164 -10.21 -4.41 -2.09
CA SER B 164 -10.22 -3.81 -0.76
C SER B 164 -8.82 -3.30 -0.42
N TYR B 165 -7.84 -4.15 -0.67
CA TYR B 165 -6.44 -3.80 -0.39
C TYR B 165 -6.01 -2.63 -1.25
N THR B 166 -6.22 -2.72 -2.56
CA THR B 166 -5.81 -1.67 -3.46
C THR B 166 -6.50 -0.31 -3.16
N LYS B 167 -7.77 -0.33 -2.73
CA LYS B 167 -8.46 0.93 -2.38
C LYS B 167 -7.88 1.51 -1.09
N GLY B 168 -7.57 0.64 -0.14
CA GLY B 168 -6.98 1.07 1.11
C GLY B 168 -5.62 1.72 0.86
N VAL B 169 -4.80 1.10 -0.01
CA VAL B 169 -3.48 1.64 -0.32
C VAL B 169 -3.63 3.01 -0.98
N SER B 170 -4.60 3.14 -1.88
CA SER B 170 -4.84 4.42 -2.55
C SER B 170 -5.17 5.51 -1.55
N ALA B 171 -6.02 5.19 -0.56
CA ALA B 171 -6.41 6.14 0.48
C ALA B 171 -5.19 6.55 1.33
N LEU B 172 -4.38 5.56 1.69
CA LEU B 172 -3.17 5.78 2.48
C LEU B 172 -2.18 6.69 1.71
N LEU B 173 -2.02 6.42 0.42
CA LEU B 173 -1.13 7.21 -0.43
C LEU B 173 -1.62 8.67 -0.47
N TRP B 174 -2.92 8.86 -0.68
CA TRP B 174 -3.49 10.19 -0.69
C TRP B 174 -3.19 10.97 0.63
N GLU B 175 -3.48 10.36 1.78
CA GLU B 175 -3.25 11.04 3.04
C GLU B 175 -1.76 11.36 3.21
N THR B 176 -0.91 10.39 2.88
CA THR B 176 0.54 10.56 2.95
C THR B 176 1.00 11.73 2.06
N LEU B 177 0.54 11.74 0.81
CA LEU B 177 0.92 12.80 -0.11
C LEU B 177 0.31 14.17 0.16
N THR B 178 -0.84 14.23 0.82
CA THR B 178 -1.41 15.54 1.12
C THR B 178 -0.57 16.19 2.21
N ALA B 179 -0.07 15.38 3.13
CA ALA B 179 0.80 15.91 4.19
C ALA B 179 2.13 16.34 3.55
N ALA B 180 2.66 15.52 2.64
CA ALA B 180 3.90 15.82 1.97
C ALA B 180 3.73 17.11 1.17
N HIS B 181 2.57 17.27 0.55
CA HIS B 181 2.28 18.46 -0.27
C HIS B 181 2.28 19.75 0.56
N ARG B 182 1.69 19.72 1.76
CA ARG B 182 1.71 20.91 2.61
C ARG B 182 3.11 21.41 2.91
N LEU B 183 4.11 20.53 2.81
CA LEU B 183 5.50 20.89 3.05
C LEU B 183 6.29 21.03 1.76
N GLY B 184 5.63 20.81 0.63
CA GLY B 184 6.30 20.85 -0.67
C GLY B 184 7.22 19.66 -0.90
N LEU B 185 6.94 18.52 -0.26
CA LEU B 185 7.84 17.36 -0.37
C LEU B 185 7.27 16.13 -1.09
N GLU B 186 6.16 16.28 -1.79
CA GLU B 186 5.54 15.12 -2.45
C GLU B 186 6.47 14.33 -3.37
N GLU B 187 7.30 15.03 -4.15
CA GLU B 187 8.22 14.31 -5.04
C GLU B 187 9.27 13.54 -4.29
N ASP B 188 9.86 14.14 -3.25
CA ASP B 188 10.84 13.43 -2.45
C ASP B 188 10.21 12.22 -1.80
N VAL B 189 9.00 12.37 -1.26
CA VAL B 189 8.37 11.21 -0.62
C VAL B 189 8.15 10.11 -1.66
N LEU B 190 7.66 10.48 -2.84
CA LEU B 190 7.45 9.50 -3.92
C LEU B 190 8.76 8.81 -4.29
N GLU B 191 9.86 9.56 -4.35
CA GLU B 191 11.15 8.96 -4.66
C GLU B 191 11.67 8.05 -3.56
N MET B 192 11.42 8.38 -2.28
CA MET B 192 11.91 7.52 -1.19
C MET B 192 11.12 6.23 -1.22
N LEU B 193 9.85 6.32 -1.62
CA LEU B 193 8.99 5.16 -1.70
C LEU B 193 9.41 4.21 -2.85
N GLU B 194 9.82 4.77 -3.99
CA GLU B 194 10.23 3.89 -5.09
C GLU B 194 11.44 3.05 -4.73
N TYR B 195 12.07 3.38 -3.61
CA TYR B 195 13.22 2.65 -3.09
C TYR B 195 12.79 1.31 -2.47
N THR B 196 11.60 1.27 -1.89
CA THR B 196 11.13 0.04 -1.24
C THR B 196 9.77 -0.51 -1.70
N GLU B 197 9.13 0.16 -2.66
CA GLU B 197 7.84 -0.30 -3.17
C GLU B 197 7.92 -0.78 -4.62
N GLY B 198 9.11 -0.70 -5.21
CA GLY B 198 9.27 -1.14 -6.58
C GLY B 198 9.66 -0.06 -7.57
N ASN B 199 10.05 -0.49 -8.78
CA ASN B 199 10.48 0.41 -9.84
C ASN B 199 9.33 1.15 -10.54
N ASP B 200 8.32 0.42 -10.99
CA ASP B 200 7.17 1.03 -11.67
C ASP B 200 6.15 1.59 -10.68
N PHE B 201 6.61 1.83 -9.46
CA PHE B 201 5.79 2.36 -8.37
C PHE B 201 5.09 3.68 -8.65
N ARG B 202 5.87 4.75 -8.73
CA ARG B 202 5.36 6.10 -8.93
C ARG B 202 4.32 6.28 -10.03
N GLU B 203 4.49 5.52 -11.12
CA GLU B 203 3.59 5.57 -12.27
C GLU B 203 2.15 5.20 -11.94
N SER B 204 1.95 3.95 -11.53
CA SER B 204 0.62 3.44 -11.17
C SER B 204 0.11 4.17 -9.92
N ALA B 205 1.04 4.65 -9.10
CA ALA B 205 0.73 5.42 -7.89
C ALA B 205 -0.08 6.67 -8.25
N ILE B 206 0.48 7.53 -9.12
CA ILE B 206 -0.19 8.75 -9.56
C ILE B 206 -1.51 8.34 -10.24
N SER B 207 -1.45 7.28 -11.05
CA SER B 207 -2.62 6.79 -11.76
C SER B 207 -3.77 6.45 -10.79
N ARG B 208 -3.47 5.67 -9.75
CA ARG B 208 -4.50 5.30 -8.78
C ARG B 208 -4.97 6.51 -7.98
N LEU B 209 -4.09 7.48 -7.74
CA LEU B 209 -4.47 8.68 -7.01
C LEU B 209 -5.59 9.39 -7.74
N LYS B 210 -5.35 9.71 -9.01
CA LYS B 210 -6.33 10.39 -9.85
C LYS B 210 -7.69 9.67 -9.96
N SER B 211 -7.67 8.36 -10.23
CA SER B 211 -8.93 7.60 -10.32
C SER B 211 -9.69 7.48 -8.98
N SER B 212 -8.96 7.42 -7.86
CA SER B 212 -9.58 7.35 -6.52
C SER B 212 -10.42 8.62 -6.30
N CYS B 213 -9.95 9.74 -6.82
CA CYS B 213 -10.65 11.03 -6.69
C CYS B 213 -11.82 11.19 -7.64
N ILE B 214 -11.59 10.88 -8.91
CA ILE B 214 -12.65 10.97 -9.92
C ILE B 214 -13.85 10.09 -9.50
N HIS B 215 -13.54 8.91 -8.95
CA HIS B 215 -14.57 7.95 -8.55
C HIS B 215 -14.80 7.85 -7.06
N ALA B 216 -14.44 8.88 -6.32
CA ALA B 216 -14.60 8.87 -4.87
C ALA B 216 -15.96 8.33 -4.39
N ARG B 217 -17.05 8.84 -4.97
CA ARG B 217 -18.39 8.39 -4.57
C ARG B 217 -18.57 6.88 -4.71
N ARG B 218 -18.19 6.38 -5.88
CA ARG B 218 -18.30 4.96 -6.21
C ARG B 218 -17.40 4.12 -5.29
N ARG B 219 -16.16 4.57 -5.10
CA ARG B 219 -15.22 3.87 -4.23
C ARG B 219 -15.77 3.80 -2.81
N TYR B 220 -16.44 4.87 -2.39
CA TYR B 220 -17.03 4.90 -1.07
C TYR B 220 -18.06 3.77 -0.92
N GLU B 221 -18.91 3.60 -1.93
CA GLU B 221 -19.94 2.55 -1.92
C GLU B 221 -19.31 1.17 -1.95
N GLU B 222 -18.26 1.02 -2.74
CA GLU B 222 -17.54 -0.24 -2.81
C GLU B 222 -17.02 -0.59 -1.41
N MET B 223 -16.51 0.43 -0.69
CA MET B 223 -15.99 0.19 0.65
C MET B 223 -17.05 -0.25 1.65
N LYS B 224 -18.29 0.23 1.48
CA LYS B 224 -19.34 -0.21 2.40
C LYS B 224 -19.58 -1.71 2.18
N GLU B 225 -19.52 -2.13 0.92
CA GLU B 225 -19.69 -3.54 0.57
C GLU B 225 -18.57 -4.38 1.19
N VAL B 226 -17.32 -3.91 1.05
CA VAL B 226 -16.22 -4.70 1.62
C VAL B 226 -16.34 -4.76 3.13
N GLN B 227 -16.79 -3.68 3.76
CA GLN B 227 -16.95 -3.68 5.22
C GLN B 227 -17.91 -4.80 5.62
N ASP B 228 -19.02 -4.92 4.90
CA ASP B 228 -20.02 -5.96 5.19
C ASP B 228 -19.51 -7.38 4.98
N MET B 229 -18.78 -7.61 3.89
CA MET B 229 -18.26 -8.95 3.65
C MET B 229 -17.20 -9.35 4.68
N LEU B 230 -16.30 -8.42 5.03
CA LEU B 230 -15.26 -8.70 6.02
C LEU B 230 -15.86 -8.98 7.40
N ALA B 231 -16.91 -8.24 7.75
CA ALA B 231 -17.56 -8.42 9.05
C ALA B 231 -18.10 -9.84 9.24
N GLU B 232 -18.45 -10.51 8.15
CA GLU B 232 -18.98 -11.86 8.23
C GLU B 232 -17.88 -12.83 8.67
N VAL B 233 -16.62 -12.42 8.48
CA VAL B 233 -15.48 -13.24 8.81
C VAL B 233 -14.51 -12.71 9.87
N ILE B 234 -14.43 -11.38 9.98
CA ILE B 234 -13.55 -10.75 10.98
C ILE B 234 -14.23 -9.48 11.51
N ASP B 235 -13.58 -8.80 12.44
CA ASP B 235 -14.13 -7.54 12.93
C ASP B 235 -13.21 -6.52 12.23
N PRO B 236 -13.69 -5.97 11.09
CA PRO B 236 -12.97 -5.01 10.25
C PRO B 236 -12.64 -3.67 10.90
N VAL B 237 -11.34 -3.36 10.88
CA VAL B 237 -10.81 -2.13 11.42
C VAL B 237 -10.52 -1.07 10.37
N MET B 238 -9.89 -1.44 9.24
CA MET B 238 -9.51 -0.47 8.22
C MET B 238 -10.57 0.23 7.37
N PRO B 239 -11.65 -0.48 6.97
CA PRO B 239 -12.66 0.17 6.13
C PRO B 239 -13.20 1.51 6.66
N THR B 240 -13.36 1.61 7.98
CA THR B 240 -13.88 2.85 8.55
C THR B 240 -13.01 4.06 8.20
N CYS B 241 -11.70 3.95 8.38
CA CYS B 241 -10.83 5.08 8.05
C CYS B 241 -10.78 5.35 6.56
N ILE B 242 -10.71 4.28 5.76
CA ILE B 242 -10.64 4.40 4.30
C ILE B 242 -11.84 5.16 3.77
N ILE B 243 -13.02 4.79 4.27
CA ILE B 243 -14.28 5.44 3.90
C ILE B 243 -14.19 6.95 4.23
N ARG B 244 -13.63 7.28 5.41
CA ARG B 244 -13.48 8.68 5.77
C ARG B 244 -12.60 9.40 4.75
N ILE B 245 -11.56 8.73 4.24
CA ILE B 245 -10.70 9.33 3.23
C ILE B 245 -11.51 9.53 1.93
N PHE B 246 -12.27 8.52 1.51
CA PHE B 246 -13.04 8.68 0.29
C PHE B 246 -14.12 9.75 0.45
N ASP B 247 -14.62 9.90 1.67
CA ASP B 247 -15.61 10.92 2.00
C ASP B 247 -14.97 12.27 1.68
N LYS B 248 -13.72 12.46 2.10
CA LYS B 248 -13.01 13.72 1.83
C LYS B 248 -12.78 13.97 0.33
N LEU B 249 -12.46 12.91 -0.41
CA LEU B 249 -12.16 13.00 -1.83
C LEU B 249 -13.26 13.49 -2.78
N LYS B 250 -14.42 13.84 -2.24
CA LYS B 250 -15.52 14.35 -3.07
C LYS B 250 -15.46 15.87 -3.29
N ASP B 257 -2.61 17.37 -13.53
CA ASP B 257 -1.68 17.74 -12.46
C ASP B 257 -2.05 17.06 -11.14
N ALA B 258 -1.44 15.91 -10.87
CA ALA B 258 -1.68 15.13 -9.66
C ALA B 258 -1.59 15.94 -8.35
N ARG B 259 -0.71 16.94 -8.31
CA ARG B 259 -0.57 17.77 -7.13
C ARG B 259 -1.86 18.49 -6.80
N LEU B 260 -2.73 18.62 -7.79
CA LEU B 260 -4.00 19.31 -7.56
C LEU B 260 -5.01 18.48 -6.82
N GLN B 261 -4.79 17.18 -6.83
CA GLN B 261 -5.67 16.27 -6.09
C GLN B 261 -5.33 16.30 -4.59
N GLY B 262 -4.19 16.92 -4.28
CA GLY B 262 -3.65 17.02 -2.94
C GLY B 262 -3.94 18.33 -2.20
N CYS B 263 -4.50 19.33 -2.88
CA CYS B 263 -4.81 20.63 -2.28
C CYS B 263 -6.07 20.56 -1.41
N ALA B 264 -6.10 21.35 -0.31
CA ALA B 264 -7.28 21.41 0.59
C ALA B 264 -6.97 22.33 1.79
#